data_5YHH
#
_entry.id   5YHH
#
_cell.length_a   46.420
_cell.length_b   51.526
_cell.length_c   94.210
_cell.angle_alpha   90.00
_cell.angle_beta   90.00
_cell.angle_gamma   90.00
#
_symmetry.space_group_name_H-M   'P 21 21 21'
#
loop_
_entity.id
_entity.type
_entity.pdbx_description
1 polymer 'Uncharacterized conserved protein YiiM'
2 water water
#
_entity_poly.entity_id   1
_entity_poly.type   'polypeptide(L)'
_entity_poly.pdbx_seq_one_letter_code
;GSAKDPMQIVSINVGKPKTIEVNGERLVTGIDKTPVAHPVAVGKQNLAGDGQADLVHHGGEDKAICAYPSEHFVYWEERY
GRPFTAGAFGENWTLLGLTEDDVCLGDIYVAGTALVQVSQPRQP(OCS)SKLAFKHQLPDLPKAICQTGKSGFYFRVLQE
GVIEPGAPLVLVERGVGALSIAYINHIYYHERDNAAAMKQIASHPALSASWRETFQKRLADRPRP
;
_entity_poly.pdbx_strand_id   A
#
# COMPACT_ATOMS: atom_id res chain seq x y z
N PRO A 6 13.32 6.96 12.26
CA PRO A 6 12.37 5.93 12.71
C PRO A 6 11.30 5.68 11.65
N MET A 7 11.74 5.67 10.40
CA MET A 7 10.96 5.23 9.26
C MET A 7 11.65 3.95 8.78
N GLN A 8 10.94 2.83 8.90
CA GLN A 8 11.51 1.55 8.52
C GLN A 8 10.50 0.50 8.10
N ILE A 9 11.00 -0.58 7.52
CA ILE A 9 10.24 -1.81 7.30
C ILE A 9 10.43 -2.65 8.55
N VAL A 10 9.44 -2.70 9.44
CA VAL A 10 9.64 -3.48 10.66
C VAL A 10 9.47 -4.96 10.39
N SER A 11 8.73 -5.32 9.34
CA SER A 11 8.55 -6.72 9.01
C SER A 11 8.38 -6.90 7.54
N ILE A 12 9.04 -7.91 7.01
CA ILE A 12 8.85 -8.33 5.64
C ILE A 12 8.11 -9.64 5.77
N ASN A 13 6.98 -9.73 5.08
CA ASN A 13 6.09 -10.86 5.19
C ASN A 13 5.97 -11.56 3.85
N VAL A 14 6.05 -12.88 3.85
CA VAL A 14 6.01 -13.63 2.61
C VAL A 14 4.88 -14.66 2.60
N GLY A 15 4.16 -14.72 1.48
CA GLY A 15 3.06 -15.67 1.31
C GLY A 15 3.37 -16.82 0.37
N LYS A 16 2.45 -17.77 0.29
CA LYS A 16 2.56 -18.92 -0.64
C LYS A 16 1.81 -18.64 -1.94
N PRO A 17 2.43 -18.90 -3.11
CA PRO A 17 1.70 -18.90 -4.38
C PRO A 17 0.57 -19.95 -4.51
N LYS A 18 -0.47 -19.59 -5.27
CA LYS A 18 -1.53 -20.54 -5.68
C LYS A 18 -2.01 -20.29 -7.11
N THR A 19 -2.43 -21.36 -7.80
CA THR A 19 -3.08 -21.27 -9.11
C THR A 19 -4.63 -21.29 -8.96
N ILE A 20 -5.32 -20.41 -9.67
CA ILE A 20 -6.79 -20.48 -9.86
C ILE A 20 -7.10 -20.84 -11.31
N GLU A 21 -8.23 -21.51 -11.54
CA GLU A 21 -8.69 -21.81 -12.91
C GLU A 21 -9.39 -20.57 -13.52
N VAL A 22 -8.87 -20.10 -14.66
CA VAL A 22 -9.35 -18.89 -15.36
C VAL A 22 -9.48 -19.12 -16.87
N ARG A 26 -4.06 -19.14 -13.79
CA ARG A 26 -3.19 -18.03 -13.45
C ARG A 26 -2.64 -18.20 -12.04
N LEU A 27 -1.50 -17.55 -11.79
CA LEU A 27 -0.81 -17.58 -10.51
C LEU A 27 -1.12 -16.31 -9.73
N VAL A 28 -1.59 -16.47 -8.49
CA VAL A 28 -1.87 -15.35 -7.61
C VAL A 28 -1.13 -15.61 -6.29
N THR A 29 -0.82 -14.56 -5.53
CA THR A 29 -0.21 -14.76 -4.21
C THR A 29 -1.25 -14.56 -3.12
N GLY A 30 -1.14 -15.38 -2.06
CA GLY A 30 -2.10 -15.35 -0.99
C GLY A 30 -1.99 -14.09 -0.13
N ILE A 31 -3.15 -13.68 0.39
CA ILE A 31 -3.27 -12.65 1.42
C ILE A 31 -2.59 -13.08 2.76
N ASP A 32 -2.48 -14.38 3.01
CA ASP A 32 -1.78 -14.86 4.20
C ASP A 32 -0.28 -14.82 3.92
N LYS A 33 0.41 -13.95 4.64
CA LYS A 33 1.86 -13.79 4.54
C LYS A 33 2.45 -13.87 5.95
N THR A 34 3.60 -14.51 6.09
CA THR A 34 4.25 -14.74 7.39
C THR A 34 5.53 -13.91 7.44
N PRO A 35 5.78 -13.22 8.57
CA PRO A 35 7.05 -12.52 8.81
C PRO A 35 8.26 -13.45 8.62
N VAL A 36 9.27 -13.02 7.89
CA VAL A 36 10.51 -13.80 7.74
C VAL A 36 11.68 -13.09 8.42
N ALA A 37 12.75 -13.84 8.73
CA ALA A 37 13.89 -13.31 9.47
C ALA A 37 15.14 -13.34 8.62
N HIS A 38 15.01 -13.14 7.31
CA HIS A 38 16.18 -13.24 6.45
C HIS A 38 16.06 -12.23 5.31
N PRO A 39 17.15 -11.99 4.58
CA PRO A 39 17.09 -11.09 3.43
C PRO A 39 16.14 -11.56 2.32
N VAL A 40 15.48 -10.61 1.69
CA VAL A 40 14.47 -10.88 0.68
C VAL A 40 14.83 -10.03 -0.54
N ALA A 41 14.82 -10.63 -1.72
CA ALA A 41 15.05 -9.90 -2.96
C ALA A 41 13.81 -9.09 -3.33
N VAL A 42 14.02 -7.86 -3.80
CA VAL A 42 12.95 -6.98 -4.22
C VAL A 42 12.97 -6.86 -5.72
N GLY A 43 12.07 -7.58 -6.39
CA GLY A 43 11.99 -7.56 -7.84
C GLY A 43 10.93 -6.63 -8.41
N LYS A 44 11.07 -6.29 -9.68
CA LYS A 44 10.17 -5.36 -10.35
C LYS A 44 8.70 -5.85 -10.45
N GLN A 45 8.50 -7.16 -10.56
CA GLN A 45 7.19 -7.72 -10.96
C GLN A 45 6.74 -8.86 -10.04
N GLY A 59 0.07 -2.90 -14.34
CA GLY A 59 -0.76 -3.53 -13.31
C GLY A 59 0.04 -4.24 -12.24
N GLY A 60 0.76 -5.30 -12.66
CA GLY A 60 1.64 -6.06 -11.75
C GLY A 60 2.77 -5.19 -11.20
N GLU A 61 3.40 -4.44 -12.10
CA GLU A 61 4.47 -3.52 -11.76
C GLU A 61 4.04 -2.41 -10.76
N ASP A 62 2.87 -1.81 -11.01
CA ASP A 62 2.31 -0.72 -10.17
C ASP A 62 2.05 -1.17 -8.73
N LYS A 63 1.67 -2.45 -8.60
CA LYS A 63 1.30 -3.02 -7.33
C LYS A 63 2.35 -4.04 -6.86
N ALA A 64 3.62 -3.75 -7.09
CA ALA A 64 4.69 -4.70 -6.81
C ALA A 64 4.82 -5.03 -5.30
N ILE A 65 4.71 -4.01 -4.44
CA ILE A 65 4.88 -4.16 -2.99
C ILE A 65 3.67 -3.51 -2.29
N CYS A 66 2.92 -4.29 -1.53
CA CYS A 66 1.86 -3.75 -0.68
C CYS A 66 2.41 -3.42 0.75
N ALA A 67 2.19 -2.20 1.22
CA ALA A 67 2.73 -1.72 2.52
C ALA A 67 1.60 -1.29 3.44
N TYR A 68 1.78 -1.56 4.74
CA TYR A 68 0.76 -1.18 5.73
C TYR A 68 1.41 -0.59 6.98
N PRO A 69 0.91 0.56 7.45
CA PRO A 69 1.43 1.16 8.65
C PRO A 69 1.12 0.36 9.90
N SER A 70 2.15 -0.12 10.59
CA SER A 70 1.93 -0.87 11.86
C SER A 70 1.16 -0.03 12.90
N GLU A 71 1.30 1.29 12.83
CA GLU A 71 0.64 2.16 13.79
C GLU A 71 -0.84 1.85 13.86
N HIS A 72 -1.44 1.51 12.72
CA HIS A 72 -2.88 1.29 12.67
C HIS A 72 -3.32 0.05 13.40
N PHE A 73 -2.42 -0.92 13.57
CA PHE A 73 -2.74 -2.13 14.33
C PHE A 73 -3.29 -1.82 15.73
N VAL A 74 -2.79 -0.77 16.36
CA VAL A 74 -3.27 -0.33 17.65
C VAL A 74 -4.74 0.01 17.60
N TYR A 75 -5.15 0.78 16.60
CA TYR A 75 -6.53 1.10 16.42
C TYR A 75 -7.36 -0.15 16.17
N TRP A 76 -6.91 -1.07 15.31
CA TRP A 76 -7.69 -2.27 15.01
C TRP A 76 -7.86 -3.18 16.25
N GLU A 77 -6.83 -3.25 17.09
CA GLU A 77 -6.92 -4.06 18.29
C GLU A 77 -7.91 -3.46 19.27
N GLU A 78 -7.96 -2.14 19.30
CA GLU A 78 -8.93 -1.43 20.13
C GLU A 78 -10.35 -1.56 19.58
N ARG A 79 -10.49 -1.46 18.27
CA ARG A 79 -11.84 -1.62 17.67
C ARG A 79 -12.38 -3.03 17.81
N TYR A 80 -11.55 -4.04 17.54
CA TYR A 80 -12.07 -5.42 17.48
C TYR A 80 -11.73 -6.34 18.66
N GLY A 81 -10.93 -5.86 19.60
CA GLY A 81 -10.62 -6.65 20.79
C GLY A 81 -9.82 -7.93 20.54
N ARG A 82 -8.88 -7.88 19.62
CA ARG A 82 -8.07 -9.04 19.30
C ARG A 82 -6.77 -8.53 18.70
N PRO A 83 -5.72 -9.38 18.67
CA PRO A 83 -4.43 -8.89 18.15
C PRO A 83 -4.40 -8.65 16.64
N PHE A 84 -3.60 -7.66 16.23
CA PHE A 84 -3.24 -7.47 14.82
C PHE A 84 -1.76 -7.19 14.79
N THR A 85 -0.98 -8.11 14.20
CA THR A 85 0.48 -8.01 14.15
C THR A 85 0.87 -8.14 12.69
N ALA A 86 2.16 -8.05 12.45
CA ALA A 86 2.70 -7.95 11.13
C ALA A 86 2.14 -9.04 10.21
N GLY A 87 1.66 -8.63 9.05
CA GLY A 87 1.07 -9.56 8.07
C GLY A 87 -0.45 -9.57 8.11
N ALA A 88 -1.00 -8.93 9.12
CA ALA A 88 -2.45 -8.98 9.36
C ALA A 88 -3.25 -8.39 8.18
N PHE A 89 -2.68 -7.43 7.44
CA PHE A 89 -3.39 -6.85 6.27
C PHE A 89 -2.92 -7.37 4.94
N GLY A 90 -2.22 -8.50 4.99
CA GLY A 90 -1.69 -9.15 3.81
C GLY A 90 -0.55 -8.36 3.22
N GLU A 91 0.07 -7.47 4.00
CA GLU A 91 1.09 -6.58 3.43
C GLU A 91 2.44 -7.30 3.26
N ASN A 92 3.16 -7.01 2.17
CA ASN A 92 4.56 -7.45 2.03
C ASN A 92 5.45 -6.79 3.08
N TRP A 93 5.22 -5.49 3.31
CA TRP A 93 6.06 -4.66 4.17
C TRP A 93 5.16 -4.02 5.24
N THR A 94 5.43 -4.37 6.49
CA THR A 94 4.85 -3.71 7.62
C THR A 94 5.75 -2.54 7.95
N LEU A 95 5.19 -1.34 7.95
CA LEU A 95 5.99 -0.16 8.09
C LEU A 95 5.90 0.43 9.47
N LEU A 96 6.91 1.22 9.80
CA LEU A 96 6.89 2.08 10.98
C LEU A 96 7.31 3.50 10.56
N GLY A 97 6.61 4.52 11.07
CA GLY A 97 6.92 5.91 10.80
C GLY A 97 6.41 6.51 9.50
N LEU A 98 5.60 5.77 8.75
CA LEU A 98 5.05 6.26 7.47
C LEU A 98 3.58 5.93 7.39
N THR A 99 2.74 6.93 7.62
CA THR A 99 1.29 6.80 7.50
C THR A 99 0.77 7.50 6.22
N GLU A 100 -0.51 7.31 5.93
CA GLU A 100 -1.13 7.82 4.69
C GLU A 100 -1.12 9.36 4.62
N ASP A 101 -1.03 10.04 5.77
CA ASP A 101 -0.99 11.50 5.83
C ASP A 101 0.38 12.05 5.44
N ASP A 102 1.44 11.26 5.62
CA ASP A 102 2.81 11.70 5.43
C ASP A 102 3.41 11.19 4.10
N VAL A 103 2.85 10.13 3.54
CA VAL A 103 3.39 9.53 2.32
C VAL A 103 2.64 10.12 1.13
N CYS A 104 3.40 10.50 0.09
CA CYS A 104 2.83 11.14 -1.09
C CYS A 104 3.01 10.30 -2.34
N LEU A 105 2.07 10.45 -3.26
CA LEU A 105 2.14 9.81 -4.54
C LEU A 105 3.43 10.29 -5.20
N GLY A 106 4.23 9.35 -5.71
CA GLY A 106 5.47 9.70 -6.37
C GLY A 106 6.69 9.74 -5.48
N ASP A 107 6.51 9.66 -4.15
CA ASP A 107 7.66 9.63 -3.24
C ASP A 107 8.54 8.46 -3.65
N ILE A 108 9.84 8.71 -3.67
CA ILE A 108 10.84 7.68 -3.91
C ILE A 108 11.62 7.42 -2.63
N TYR A 109 11.72 6.15 -2.25
CA TYR A 109 12.45 5.76 -1.02
C TYR A 109 13.56 4.76 -1.38
N VAL A 110 14.68 4.86 -0.67
CA VAL A 110 15.69 3.81 -0.71
C VAL A 110 15.31 2.83 0.40
N ALA A 111 15.33 1.55 0.08
CA ALA A 111 15.10 0.50 1.05
C ALA A 111 16.10 -0.59 0.80
N GLY A 112 17.05 -0.79 1.71
CA GLY A 112 18.15 -1.73 1.43
C GLY A 112 18.92 -1.26 0.21
N THR A 113 19.21 -2.18 -0.72
CA THR A 113 19.81 -1.82 -2.00
C THR A 113 18.74 -1.50 -3.09
N ALA A 114 17.47 -1.46 -2.72
CA ALA A 114 16.38 -1.21 -3.68
C ALA A 114 15.91 0.28 -3.69
N LEU A 115 15.26 0.68 -4.77
CA LEU A 115 14.58 1.98 -4.86
C LEU A 115 13.13 1.74 -5.24
N VAL A 116 12.24 2.36 -4.49
CA VAL A 116 10.81 2.16 -4.66
C VAL A 116 10.08 3.50 -4.71
N GLN A 117 8.91 3.50 -5.36
CA GLN A 117 8.12 4.71 -5.55
C GLN A 117 6.66 4.40 -5.24
N VAL A 118 6.03 5.30 -4.51
CA VAL A 118 4.60 5.19 -4.17
C VAL A 118 3.77 5.38 -5.43
N SER A 119 2.87 4.44 -5.68
CA SER A 119 2.09 4.37 -6.92
C SER A 119 0.58 4.58 -6.78
N GLN A 120 0.03 4.16 -5.65
CA GLN A 120 -1.40 4.24 -5.39
C GLN A 120 -1.74 3.84 -3.93
N PRO A 121 -2.89 4.29 -3.42
CA PRO A 121 -3.49 3.71 -2.21
C PRO A 121 -3.85 2.26 -2.43
N ARG A 122 -3.94 1.50 -1.35
CA ARG A 122 -4.39 0.12 -1.39
C ARG A 122 -5.88 0.17 -1.07
N GLN A 123 -6.68 -0.56 -1.82
CA GLN A 123 -8.10 -0.58 -1.60
C GLN A 123 -8.47 -1.77 -0.70
N PRO A 124 -9.46 -1.58 0.16
CA PRO A 124 -9.90 -2.71 0.97
C PRO A 124 -10.68 -3.72 0.13
N SER A 126 -12.33 -8.07 -0.06
CA SER A 126 -13.08 -9.14 0.62
C SER A 126 -12.17 -10.22 1.14
N LYS A 127 -10.98 -10.40 0.53
CA LYS A 127 -10.05 -11.41 1.07
C LYS A 127 -9.66 -11.08 2.51
N LEU A 128 -9.53 -9.79 2.77
CA LEU A 128 -9.19 -9.31 4.12
C LEU A 128 -10.33 -9.57 5.13
N ALA A 129 -11.57 -9.34 4.71
CA ALA A 129 -12.74 -9.64 5.47
C ALA A 129 -12.82 -11.15 5.82
N PHE A 130 -12.53 -11.99 4.84
CA PHE A 130 -12.51 -13.44 5.07
C PHE A 130 -11.35 -13.86 5.99
N LYS A 131 -10.20 -13.25 5.82
CA LYS A 131 -9.06 -13.57 6.69
C LYS A 131 -9.38 -13.43 8.17
N HIS A 132 -10.01 -12.33 8.52
CA HIS A 132 -10.31 -12.00 9.92
C HIS A 132 -11.74 -12.37 10.32
N GLN A 133 -12.52 -12.82 9.35
CA GLN A 133 -13.94 -13.08 9.57
C GLN A 133 -14.60 -11.82 10.16
N LEU A 134 -14.34 -10.68 9.52
CA LEU A 134 -14.87 -9.40 9.92
C LEU A 134 -15.52 -8.73 8.71
N PRO A 135 -16.82 -8.97 8.50
CA PRO A 135 -17.43 -8.39 7.30
C PRO A 135 -17.42 -6.88 7.19
N ASP A 136 -17.29 -6.17 8.33
CA ASP A 136 -17.31 -4.71 8.23
C ASP A 136 -15.91 -4.11 8.08
N LEU A 137 -14.87 -4.94 8.07
CA LEU A 137 -13.49 -4.43 7.98
C LEU A 137 -13.19 -3.59 6.69
N PRO A 138 -13.62 -4.04 5.49
CA PRO A 138 -13.37 -3.19 4.33
C PRO A 138 -14.06 -1.79 4.43
N LYS A 139 -15.30 -1.75 4.90
CA LYS A 139 -15.98 -0.50 5.14
C LYS A 139 -15.22 0.35 6.15
N ALA A 140 -14.80 -0.25 7.25
CA ALA A 140 -13.98 0.47 8.24
C ALA A 140 -12.69 1.06 7.67
N ILE A 141 -12.04 0.30 6.81
CA ILE A 141 -10.81 0.82 6.16
C ILE A 141 -11.14 2.04 5.31
N CYS A 142 -12.19 1.96 4.49
CA CYS A 142 -12.63 3.08 3.69
C CYS A 142 -13.07 4.26 4.56
N GLN A 143 -13.74 4.01 5.68
CA GLN A 143 -14.18 5.10 6.55
C GLN A 143 -13.01 5.77 7.31
N THR A 144 -12.02 5.00 7.76
CA THR A 144 -10.94 5.56 8.57
C THR A 144 -9.81 6.09 7.70
N GLY A 145 -9.68 5.59 6.48
CA GLY A 145 -8.52 5.89 5.62
C GLY A 145 -7.24 5.13 6.01
N LYS A 146 -7.36 4.11 6.84
CA LYS A 146 -6.23 3.32 7.32
C LYS A 146 -6.02 2.15 6.38
N SER A 147 -5.58 2.49 5.17
CA SER A 147 -5.58 1.59 4.02
C SER A 147 -4.21 1.06 3.65
N GLY A 148 -3.17 1.80 3.99
CA GLY A 148 -1.86 1.53 3.37
C GLY A 148 -1.84 1.87 1.87
N PHE A 149 -0.81 1.39 1.17
CA PHE A 149 -0.49 1.89 -0.19
C PHE A 149 0.51 0.94 -0.85
N TYR A 150 0.66 1.09 -2.15
CA TYR A 150 1.58 0.26 -2.88
C TYR A 150 2.80 1.07 -3.33
N PHE A 151 3.89 0.35 -3.55
CA PHE A 151 5.06 0.84 -4.28
C PHE A 151 5.28 0.04 -5.55
N ARG A 152 5.80 0.73 -6.57
CA ARG A 152 6.48 0.09 -7.70
C ARG A 152 7.98 0.06 -7.39
N VAL A 153 8.69 -0.85 -8.02
CA VAL A 153 10.12 -0.97 -7.83
C VAL A 153 10.84 -0.29 -8.99
N LEU A 154 11.56 0.78 -8.67
CA LEU A 154 12.37 1.53 -9.64
C LEU A 154 13.70 0.87 -9.90
N GLN A 155 14.31 0.35 -8.83
CA GLN A 155 15.56 -0.42 -8.96
C GLN A 155 15.47 -1.63 -8.02
N GLU A 156 15.67 -2.81 -8.60
CA GLU A 156 15.65 -4.08 -7.86
C GLU A 156 16.76 -4.08 -6.83
N GLY A 157 16.56 -4.79 -5.73
CA GLY A 157 17.64 -4.97 -4.76
C GLY A 157 17.27 -5.97 -3.70
N VAL A 158 17.86 -5.80 -2.52
CA VAL A 158 17.71 -6.72 -1.41
C VAL A 158 17.47 -5.90 -0.14
N ILE A 159 16.55 -6.38 0.69
CA ILE A 159 16.20 -5.75 1.96
C ILE A 159 16.16 -6.78 3.07
N GLU A 160 16.33 -6.32 4.31
CA GLU A 160 16.24 -7.17 5.49
C GLU A 160 15.26 -6.55 6.45
N PRO A 161 14.62 -7.38 7.29
CA PRO A 161 13.73 -6.83 8.32
C PRO A 161 14.43 -5.76 9.16
N GLY A 162 13.76 -4.64 9.40
CA GLY A 162 14.34 -3.54 10.13
C GLY A 162 15.03 -2.52 9.25
N ALA A 163 15.09 -2.76 7.93
CA ALA A 163 15.69 -1.82 6.98
C ALA A 163 15.07 -0.41 7.07
N PRO A 164 15.90 0.65 7.20
CA PRO A 164 15.33 1.98 7.13
C PRO A 164 14.76 2.26 5.74
N LEU A 165 13.72 3.08 5.68
CA LEU A 165 13.15 3.53 4.40
C LEU A 165 13.43 5.00 4.33
N VAL A 166 14.30 5.41 3.41
CA VAL A 166 14.82 6.76 3.38
C VAL A 166 14.22 7.49 2.19
N LEU A 167 13.52 8.58 2.47
CA LEU A 167 12.94 9.38 1.43
C LEU A 167 14.05 10.04 0.65
N VAL A 168 14.13 9.81 -0.64
CA VAL A 168 15.11 10.49 -1.46
C VAL A 168 14.50 11.51 -2.40
N GLU A 169 13.22 11.39 -2.72
CA GLU A 169 12.53 12.45 -3.47
C GLU A 169 11.03 12.52 -3.10
N ARG A 170 10.57 13.70 -2.70
CA ARG A 170 9.16 13.94 -2.43
C ARG A 170 8.37 13.94 -3.74
N GLY A 171 7.32 13.15 -3.80
CA GLY A 171 6.45 13.11 -4.99
C GLY A 171 6.03 14.51 -5.35
N VAL A 172 6.07 14.82 -6.64
CA VAL A 172 5.74 16.14 -7.12
C VAL A 172 4.30 16.45 -6.81
N GLY A 173 4.06 17.68 -6.35
CA GLY A 173 2.74 18.09 -5.86
C GLY A 173 2.46 17.72 -4.41
N ALA A 174 3.26 16.83 -3.83
CA ALA A 174 3.09 16.42 -2.45
C ALA A 174 1.63 16.08 -2.21
N LEU A 175 1.09 15.16 -3.00
CA LEU A 175 -0.29 14.67 -2.84
C LEU A 175 -0.30 13.43 -1.96
N SER A 176 -0.89 13.52 -0.77
CA SER A 176 -0.76 12.44 0.21
C SER A 176 -1.66 11.29 -0.18
N ILE A 177 -1.33 10.09 0.25
CA ILE A 177 -2.26 8.96 0.06
C ILE A 177 -3.60 9.27 0.77
N ALA A 178 -3.57 9.95 1.92
CA ALA A 178 -4.82 10.31 2.59
C ALA A 178 -5.69 11.21 1.73
N TYR A 179 -5.06 12.21 1.12
CA TYR A 179 -5.76 13.13 0.20
C TYR A 179 -6.35 12.37 -0.97
N ILE A 180 -5.56 11.49 -1.58
CA ILE A 180 -6.02 10.77 -2.77
C ILE A 180 -7.19 9.82 -2.42
N ASN A 181 -7.12 9.13 -1.29
CA ASN A 181 -8.25 8.31 -0.85
C ASN A 181 -9.50 9.17 -0.63
N HIS A 182 -9.29 10.34 -0.05
CA HIS A 182 -10.39 11.21 0.27
C HIS A 182 -11.13 11.65 -1.00
N ILE A 183 -10.40 12.05 -2.05
CA ILE A 183 -10.98 12.43 -3.35
C ILE A 183 -11.72 11.25 -3.97
N TYR A 184 -11.07 10.09 -3.97
CA TYR A 184 -11.58 8.88 -4.58
C TYR A 184 -12.87 8.36 -3.91
N TYR A 185 -12.91 8.36 -2.59
CA TYR A 185 -14.06 7.84 -1.87
C TYR A 185 -15.14 8.88 -1.55
N HIS A 186 -14.79 10.15 -1.47
CA HIS A 186 -15.77 11.16 -1.01
C HIS A 186 -16.06 12.31 -1.99
N GLU A 187 -15.07 12.76 -2.75
CA GLU A 187 -15.26 13.87 -3.68
C GLU A 187 -15.29 13.41 -5.14
N ARG A 188 -16.18 12.45 -5.42
CA ARG A 188 -16.39 11.88 -6.77
C ARG A 188 -16.84 12.90 -7.82
N ASP A 189 -17.32 14.07 -7.37
CA ASP A 189 -17.70 15.17 -8.25
C ASP A 189 -16.74 16.38 -8.16
N ASN A 190 -15.49 16.14 -7.74
CA ASN A 190 -14.46 17.20 -7.74
C ASN A 190 -13.53 17.07 -8.95
N ALA A 191 -13.85 17.86 -9.99
CA ALA A 191 -13.17 17.79 -11.28
C ALA A 191 -11.69 18.19 -11.20
N ALA A 192 -11.43 19.37 -10.63
CA ALA A 192 -10.08 19.91 -10.51
C ALA A 192 -9.17 18.97 -9.72
N ALA A 193 -9.72 18.39 -8.65
CA ALA A 193 -8.97 17.45 -7.81
C ALA A 193 -8.59 16.17 -8.59
N MET A 194 -9.57 15.59 -9.28
CA MET A 194 -9.34 14.36 -10.04
C MET A 194 -8.38 14.56 -11.21
N LYS A 195 -8.58 15.61 -12.01
CA LYS A 195 -7.69 15.89 -13.14
C LYS A 195 -6.24 15.99 -12.66
N GLN A 196 -6.03 16.69 -11.54
CA GLN A 196 -4.69 16.86 -10.97
C GLN A 196 -4.02 15.55 -10.57
N ILE A 197 -4.76 14.70 -9.87
CA ILE A 197 -4.24 13.40 -9.45
C ILE A 197 -4.00 12.50 -10.67
N ALA A 198 -4.97 12.47 -11.58
CA ALA A 198 -4.84 11.72 -12.82
C ALA A 198 -3.63 12.16 -13.67
N SER A 199 -3.25 13.43 -13.51
CA SER A 199 -2.13 14.02 -14.25
C SER A 199 -0.77 13.62 -13.71
N HIS A 200 -0.75 13.11 -12.48
CA HIS A 200 0.50 12.69 -11.88
C HIS A 200 1.14 11.49 -12.60
N PRO A 201 2.36 11.66 -13.11
CA PRO A 201 3.05 10.59 -13.86
C PRO A 201 3.33 9.32 -13.04
N ALA A 202 3.39 9.45 -11.73
CA ALA A 202 3.61 8.30 -10.84
C ALA A 202 2.33 7.49 -10.50
N LEU A 203 1.15 8.01 -10.82
CA LEU A 203 -0.11 7.27 -10.52
C LEU A 203 -0.20 5.97 -11.33
N SER A 204 -0.59 4.90 -10.65
CA SER A 204 -0.83 3.63 -11.30
C SER A 204 -1.84 3.83 -12.46
N ALA A 205 -1.65 3.10 -13.56
CA ALA A 205 -2.52 3.19 -14.73
C ALA A 205 -4.00 3.02 -14.37
N SER A 206 -4.32 2.04 -13.53
CA SER A 206 -5.72 1.75 -13.21
C SER A 206 -6.42 2.91 -12.48
N TRP A 207 -5.75 3.53 -11.51
CA TRP A 207 -6.32 4.71 -10.81
C TRP A 207 -6.50 5.88 -11.77
N ARG A 208 -5.53 6.08 -12.67
CA ARG A 208 -5.63 7.11 -13.71
C ARG A 208 -6.90 6.88 -14.54
N GLU A 209 -7.08 5.63 -14.98
CA GLU A 209 -8.22 5.27 -15.84
C GLU A 209 -9.54 5.59 -15.12
N THR A 210 -9.65 5.16 -13.86
CA THR A 210 -10.83 5.39 -13.07
C THR A 210 -11.17 6.89 -12.93
N PHE A 211 -10.14 7.71 -12.72
CA PHE A 211 -10.34 9.16 -12.62
C PHE A 211 -10.70 9.77 -13.99
N GLN A 212 -10.27 9.10 -15.07
CA GLN A 212 -10.63 9.49 -16.45
C GLN A 212 -12.01 8.98 -16.93
N LYS A 213 -12.46 7.82 -16.42
CA LYS A 213 -13.85 7.36 -16.67
C LYS A 213 -14.78 8.31 -15.91
N ARG A 214 -14.61 8.44 -14.59
CA ARG A 214 -15.20 9.60 -13.90
C ARG A 214 -14.54 10.78 -14.61
N LEU A 215 -15.15 11.96 -14.62
CA LEU A 215 -14.59 13.09 -15.41
C LEU A 215 -15.06 12.99 -16.88
N ALA A 216 -16.01 12.09 -17.17
CA ALA A 216 -16.50 11.84 -18.52
C ALA A 216 -17.87 11.14 -18.45
#